data_7QXY
#
_entry.id   7QXY
#
_cell.length_a   131.672
_cell.length_b   131.672
_cell.length_c   155.354
_cell.angle_alpha   90.000
_cell.angle_beta   90.000
_cell.angle_gamma   120.000
#
_symmetry.space_group_name_H-M   'P 65 2 2'
#
loop_
_entity.id
_entity.type
_entity.pdbx_description
1 polymer Furin
2 non-polymer 'CALCIUM ION'
3 non-polymer 'SODIUM ION'
4 non-polymer 'CHLORIDE ION'
5 non-polymer 3-[4-[5-[4-[[4-(acetamidomethyl)piperidin-1-ium-1-yl]methyl]-6-[3,5-bis(chloranyl)phenyl]pyridin-2-yl]oxypyrimidin-2-yl]piperazin-1-ium-1-yl]propanoate
6 water water
#
_entity_poly.entity_id   1
_entity_poly.type   'polypeptide(L)'
_entity_poly.pdbx_seq_one_letter_code
;DVYQEPTDPKFPQQWYLSGVTQRDLNVKAAWAQGYTGHGIVVSILDDGIEKNHPDLAGNYDPGASFDVNDQDPDPQPRYT
QMNDNRHGTRCAGEVAAVANNGVCGVGVAYNARIGGVRMLDGEVTDAVEARSLGLNPNHIHIYSASWGPEDDGKTVDGPA
RLAEEAFFRGVSQGRGGLGSIFVWASGNGGREHDSCNCDGYTNSIYTLSISSATQFGNVPWYSEACSSTLATTYSSGNQN
EKQIVTTDLRQKCTESHTGTSASAPLAAGIIALTLEANKNLTWRDMQHLVVQTSKPAHLNANDWATNGVGRKVSHSYGYG
LLDAGAMVALAQNWTTVAPQRKCIIDILTEPKDIGKRLEVRKTVTACLGEPNHITRLEHAQARLTLSYNRRGDLAIHLVS
PMGTRSTLLAARPHDYSADGFNDWAFMTTHSWDEDPSGEWVLEIENTSEANNYGTLTKFTLVLYGTASGSLVPRGSHHHH
;
_entity_poly.pdbx_strand_id   A
#
loop_
_chem_comp.id
_chem_comp.type
_chem_comp.name
_chem_comp.formula
CA non-polymer 'CALCIUM ION' 'Ca 2'
CL non-polymer 'CHLORIDE ION' 'Cl -1'
I1G non-polymer 3-[4-[5-[4-[[4-(acetamidomethyl)piperidin-1-ium-1-yl]methyl]-6-[3,5-bis(chloranyl)phenyl]pyridin-2-yl]oxypyrimidin-2-yl]piperazin-1-ium-1-yl]propanoate 'C31 H38 Cl2 N7 O4 1'
NA non-polymer 'SODIUM ION' 'Na 1'
#
# COMPACT_ATOMS: atom_id res chain seq x y z
N VAL A 2 -15.10 -23.18 20.74
CA VAL A 2 -16.38 -22.49 20.64
C VAL A 2 -16.55 -21.81 19.27
N TYR A 3 -15.52 -21.12 18.75
CA TYR A 3 -15.63 -20.49 17.43
C TYR A 3 -15.68 -21.59 16.38
N GLN A 4 -16.67 -21.57 15.50
CA GLN A 4 -16.80 -22.56 14.44
C GLN A 4 -16.34 -21.94 13.13
N GLU A 5 -15.33 -22.54 12.46
CA GLU A 5 -14.82 -22.00 11.21
C GLU A 5 -15.89 -22.11 10.10
N PRO A 6 -15.82 -21.26 9.04
CA PRO A 6 -16.80 -21.37 7.96
C PRO A 6 -16.88 -22.73 7.31
N THR A 7 -18.07 -23.10 6.85
CA THR A 7 -18.30 -24.39 6.19
C THR A 7 -18.42 -24.23 4.66
N ASP A 8 -18.07 -23.07 4.08
CA ASP A 8 -18.22 -22.85 2.64
C ASP A 8 -17.43 -23.88 1.84
N PRO A 9 -17.92 -24.30 0.66
CA PRO A 9 -17.25 -25.38 -0.06
C PRO A 9 -15.80 -25.14 -0.44
N LYS A 10 -15.45 -23.89 -0.79
CA LYS A 10 -14.09 -23.56 -1.18
C LYS A 10 -13.26 -22.96 -0.04
N PHE A 11 -13.80 -22.86 1.20
CA PHE A 11 -13.03 -22.33 2.33
C PHE A 11 -11.76 -23.16 2.60
N PRO A 12 -11.77 -24.51 2.55
CA PRO A 12 -10.50 -25.26 2.75
C PRO A 12 -9.42 -24.94 1.73
N GLN A 13 -9.78 -24.41 0.54
CA GLN A 13 -8.80 -24.01 -0.47
C GLN A 13 -8.24 -22.59 -0.23
N GLN A 14 -8.80 -21.83 0.72
CA GLN A 14 -8.33 -20.47 1.05
C GLN A 14 -7.18 -20.58 2.03
N TRP A 15 -6.07 -21.16 1.55
CA TRP A 15 -4.84 -21.50 2.29
C TRP A 15 -4.21 -20.32 3.05
N TYR A 16 -4.43 -19.12 2.54
CA TYR A 16 -3.84 -17.89 3.07
C TYR A 16 -4.60 -17.36 4.29
N LEU A 17 -5.83 -17.86 4.57
CA LEU A 17 -6.60 -17.35 5.70
C LEU A 17 -6.24 -18.05 7.00
N SER A 18 -6.08 -19.37 6.93
CA SER A 18 -5.81 -20.18 8.09
C SER A 18 -5.24 -21.56 7.71
N GLY A 19 -4.86 -22.34 8.72
CA GLY A 19 -4.29 -23.67 8.55
C GLY A 19 -3.33 -24.03 9.67
N VAL A 20 -2.98 -25.29 9.75
CA VAL A 20 -2.05 -25.79 10.78
C VAL A 20 -0.57 -25.51 10.46
N THR A 21 -0.23 -25.04 9.24
CA THR A 21 1.15 -24.87 8.79
C THR A 21 1.86 -23.55 9.13
N GLN A 22 1.14 -22.44 9.33
CA GLN A 22 1.73 -21.11 9.63
C GLN A 22 1.94 -20.24 8.36
N ARG A 23 1.78 -20.81 7.15
CA ARG A 23 1.87 -20.02 5.92
C ARG A 23 0.49 -19.37 5.71
N ASP A 24 0.09 -18.44 6.60
CA ASP A 24 -1.21 -17.76 6.46
C ASP A 24 -1.21 -16.38 7.16
N LEU A 25 -2.29 -15.62 6.94
CA LEU A 25 -2.47 -14.26 7.45
C LEU A 25 -3.08 -14.21 8.86
N ASN A 26 -3.24 -15.37 9.52
CA ASN A 26 -3.75 -15.42 10.90
C ASN A 26 -5.11 -14.75 11.04
N VAL A 27 -6.00 -15.00 10.08
CA VAL A 27 -7.34 -14.40 10.06
C VAL A 27 -8.30 -15.13 11.00
N LYS A 28 -8.20 -16.47 11.09
CA LYS A 28 -9.08 -17.22 12.01
C LYS A 28 -8.87 -16.77 13.46
N ALA A 29 -7.64 -16.35 13.85
CA ALA A 29 -7.41 -15.84 15.21
C ALA A 29 -8.21 -14.55 15.45
N ALA A 30 -8.36 -13.70 14.42
CA ALA A 30 -9.18 -12.49 14.54
C ALA A 30 -10.67 -12.85 14.61
N TRP A 31 -11.12 -13.80 13.76
CA TRP A 31 -12.52 -14.24 13.81
C TRP A 31 -12.86 -14.83 15.20
N ALA A 32 -11.94 -15.62 15.78
CA ALA A 32 -12.16 -16.24 17.10
C ALA A 32 -12.21 -15.19 18.22
N GLN A 33 -11.55 -14.03 18.05
CA GLN A 33 -11.65 -12.93 19.02
C GLN A 33 -13.01 -12.16 18.87
N GLY A 34 -13.85 -12.56 17.91
CA GLY A 34 -15.16 -11.96 17.67
C GLY A 34 -15.19 -10.91 16.58
N TYR A 35 -14.13 -10.78 15.77
CA TYR A 35 -14.09 -9.76 14.72
C TYR A 35 -14.23 -10.34 13.32
N THR A 36 -15.33 -9.97 12.64
CA THR A 36 -15.63 -10.43 11.28
C THR A 36 -16.00 -9.27 10.32
N GLY A 37 -15.85 -8.02 10.75
CA GLY A 37 -16.12 -6.86 9.91
C GLY A 37 -17.46 -6.17 10.08
N HIS A 38 -18.31 -6.62 11.02
N HIS A 38 -18.32 -6.62 11.03
CA HIS A 38 -19.63 -6.01 11.22
CA HIS A 38 -19.63 -6.01 11.28
C HIS A 38 -19.54 -4.49 11.43
C HIS A 38 -19.53 -4.48 11.43
N GLY A 39 -20.34 -3.74 10.68
CA GLY A 39 -20.37 -2.28 10.77
C GLY A 39 -19.33 -1.54 9.96
N ILE A 40 -18.39 -2.26 9.31
CA ILE A 40 -17.34 -1.59 8.51
C ILE A 40 -17.73 -1.63 7.04
N VAL A 41 -17.41 -0.54 6.31
CA VAL A 41 -17.78 -0.38 4.91
C VAL A 41 -16.49 -0.26 4.08
N VAL A 42 -16.34 -1.13 3.08
CA VAL A 42 -15.18 -1.13 2.18
C VAL A 42 -15.66 -0.90 0.76
N SER A 43 -14.91 -0.14 -0.03
CA SER A 43 -15.25 0.07 -1.43
C SER A 43 -14.05 -0.31 -2.31
N ILE A 44 -14.31 -1.06 -3.37
CA ILE A 44 -13.29 -1.49 -4.32
C ILE A 44 -13.30 -0.53 -5.50
N LEU A 45 -12.17 0.13 -5.80
CA LEU A 45 -12.07 1.06 -6.93
C LEU A 45 -11.55 0.25 -8.10
N ASP A 46 -12.43 -0.13 -9.05
CA ASP A 46 -11.99 -1.02 -10.13
C ASP A 46 -12.92 -0.93 -11.35
N ASP A 47 -13.23 -2.05 -12.04
CA ASP A 47 -14.07 -2.10 -13.24
C ASP A 47 -15.53 -2.43 -12.96
N GLY A 48 -15.98 -2.35 -11.70
CA GLY A 48 -17.36 -2.66 -11.35
C GLY A 48 -17.50 -3.83 -10.39
N ILE A 49 -18.70 -4.02 -9.83
CA ILE A 49 -18.94 -5.10 -8.87
C ILE A 49 -20.27 -5.75 -9.21
N GLU A 50 -20.28 -7.08 -9.31
CA GLU A 50 -21.50 -7.83 -9.59
C GLU A 50 -22.28 -7.90 -8.28
N LYS A 51 -23.09 -6.89 -8.04
CA LYS A 51 -23.81 -6.74 -6.77
C LYS A 51 -24.81 -7.85 -6.46
N ASN A 52 -25.28 -8.55 -7.49
CA ASN A 52 -26.21 -9.66 -7.35
C ASN A 52 -25.49 -11.01 -7.27
N HIS A 53 -24.14 -11.05 -7.10
CA HIS A 53 -23.43 -12.32 -6.99
C HIS A 53 -23.92 -13.05 -5.73
N PRO A 54 -24.26 -14.36 -5.79
CA PRO A 54 -24.78 -15.03 -4.58
C PRO A 54 -23.86 -14.97 -3.36
N ASP A 55 -22.53 -14.72 -3.55
CA ASP A 55 -21.65 -14.58 -2.38
C ASP A 55 -21.37 -13.11 -2.04
N LEU A 56 -21.95 -12.12 -2.75
CA LEU A 56 -21.75 -10.70 -2.40
C LEU A 56 -23.07 -10.01 -2.01
N ALA A 57 -24.19 -10.42 -2.59
CA ALA A 57 -25.47 -9.75 -2.37
C ALA A 57 -25.84 -9.49 -0.91
N GLY A 58 -25.58 -10.44 -0.03
CA GLY A 58 -25.91 -10.31 1.39
C GLY A 58 -25.12 -9.25 2.12
N ASN A 59 -23.94 -8.89 1.58
CA ASN A 59 -23.10 -7.84 2.18
C ASN A 59 -23.05 -6.57 1.31
N TYR A 60 -23.70 -6.56 0.13
CA TYR A 60 -23.63 -5.42 -0.76
C TYR A 60 -24.21 -4.15 -0.17
N ASP A 61 -23.51 -3.02 -0.39
CA ASP A 61 -23.93 -1.73 0.12
C ASP A 61 -23.96 -0.70 -1.00
N PRO A 62 -25.15 -0.27 -1.45
CA PRO A 62 -25.20 0.76 -2.50
C PRO A 62 -24.52 2.06 -2.09
N GLY A 63 -24.51 2.37 -0.79
CA GLY A 63 -23.83 3.55 -0.26
C GLY A 63 -22.33 3.52 -0.43
N ALA A 64 -21.74 2.35 -0.69
CA ALA A 64 -20.30 2.23 -0.91
C ALA A 64 -19.98 2.14 -2.41
N SER A 65 -20.94 2.50 -3.29
CA SER A 65 -20.82 2.26 -4.70
C SER A 65 -21.19 3.43 -5.56
N PHE A 66 -20.61 3.46 -6.75
CA PHE A 66 -20.96 4.46 -7.75
C PHE A 66 -20.35 4.04 -9.09
N ASP A 67 -20.90 4.56 -10.17
CA ASP A 67 -20.39 4.31 -11.50
C ASP A 67 -19.92 5.63 -12.06
N VAL A 68 -18.64 5.87 -11.97
CA VAL A 68 -18.05 7.11 -12.45
C VAL A 68 -17.81 7.08 -13.95
N ASN A 69 -17.74 5.89 -14.60
CA ASN A 69 -17.57 5.83 -16.05
C ASN A 69 -18.83 6.25 -16.80
N ASP A 70 -20.00 5.83 -16.32
CA ASP A 70 -21.28 6.17 -16.94
C ASP A 70 -22.08 7.22 -16.16
N GLN A 71 -21.56 7.72 -15.02
CA GLN A 71 -22.22 8.76 -14.26
C GLN A 71 -23.59 8.32 -13.77
N ASP A 72 -23.62 7.22 -13.00
CA ASP A 72 -24.86 6.71 -12.40
C ASP A 72 -24.52 5.97 -11.10
N PRO A 73 -25.49 5.64 -10.22
CA PRO A 73 -25.13 4.99 -8.94
C PRO A 73 -24.81 3.51 -8.99
N ASP A 74 -25.13 2.84 -10.11
CA ASP A 74 -25.06 1.38 -10.25
C ASP A 74 -23.74 0.91 -10.85
N PRO A 75 -22.87 0.27 -10.04
CA PRO A 75 -21.55 -0.15 -10.54
C PRO A 75 -21.54 -1.51 -11.21
N GLN A 76 -22.71 -2.02 -11.68
CA GLN A 76 -22.73 -3.35 -12.30
C GLN A 76 -21.70 -3.42 -13.46
N PRO A 77 -20.86 -4.47 -13.57
CA PRO A 77 -19.91 -4.51 -14.67
C PRO A 77 -20.57 -4.60 -16.04
N ARG A 78 -19.82 -4.22 -17.06
CA ARG A 78 -20.26 -4.36 -18.46
C ARG A 78 -19.87 -5.79 -18.87
N TYR A 79 -20.84 -6.62 -19.26
CA TYR A 79 -20.56 -8.01 -19.63
C TYR A 79 -20.11 -8.12 -21.07
N THR A 80 -19.00 -8.84 -21.32
CA THR A 80 -18.46 -9.10 -22.66
C THR A 80 -18.06 -10.59 -22.80
N GLN A 81 -17.86 -11.08 -24.04
CA GLN A 81 -17.43 -12.46 -24.27
C GLN A 81 -16.09 -12.78 -23.62
N MET A 82 -15.22 -11.78 -23.48
CA MET A 82 -13.91 -11.97 -22.90
C MET A 82 -13.92 -11.92 -21.36
N ASN A 83 -15.05 -11.57 -20.71
CA ASN A 83 -15.12 -11.40 -19.25
C ASN A 83 -14.07 -10.39 -18.78
N ASP A 84 -13.92 -9.28 -19.52
CA ASP A 84 -12.93 -8.25 -19.23
C ASP A 84 -13.14 -7.47 -17.93
N ASN A 85 -14.38 -7.29 -17.48
CA ASN A 85 -14.67 -6.47 -16.29
C ASN A 85 -14.99 -7.31 -15.07
N ARG A 86 -14.15 -8.29 -14.80
CA ARG A 86 -14.35 -9.20 -13.68
C ARG A 86 -13.52 -8.89 -12.45
N HIS A 87 -12.49 -8.05 -12.58
CA HIS A 87 -11.56 -7.85 -11.48
C HIS A 87 -12.18 -7.29 -10.20
N GLY A 88 -13.08 -6.31 -10.29
CA GLY A 88 -13.70 -5.72 -9.11
C GLY A 88 -14.49 -6.73 -8.32
N THR A 89 -15.20 -7.64 -9.03
CA THR A 89 -15.98 -8.68 -8.37
C THR A 89 -15.05 -9.64 -7.63
N ARG A 90 -13.91 -9.98 -8.23
CA ARG A 90 -12.92 -10.85 -7.57
C ARG A 90 -12.40 -10.18 -6.29
N CYS A 91 -12.06 -8.89 -6.37
CA CYS A 91 -11.55 -8.17 -5.20
C CYS A 91 -12.61 -8.05 -4.12
N ALA A 92 -13.88 -7.78 -4.51
CA ALA A 92 -14.95 -7.65 -3.50
C ALA A 92 -15.09 -8.93 -2.68
N GLY A 93 -14.99 -10.09 -3.34
CA GLY A 93 -15.13 -11.37 -2.65
C GLY A 93 -14.00 -11.64 -1.69
N GLU A 94 -12.78 -11.18 -2.02
CA GLU A 94 -11.64 -11.31 -1.11
C GLU A 94 -11.90 -10.60 0.21
N VAL A 95 -12.52 -9.42 0.14
CA VAL A 95 -12.79 -8.64 1.32
C VAL A 95 -13.99 -9.18 2.06
N ALA A 96 -15.15 -9.40 1.37
CA ALA A 96 -16.38 -9.63 2.09
C ALA A 96 -17.33 -10.63 1.46
N ALA A 97 -16.81 -11.73 0.87
CA ALA A 97 -17.71 -12.80 0.40
C ALA A 97 -18.44 -13.40 1.64
N VAL A 98 -19.73 -13.65 1.51
CA VAL A 98 -20.57 -14.13 2.61
C VAL A 98 -20.09 -15.48 3.11
N ALA A 99 -20.17 -15.72 4.43
CA ALA A 99 -19.75 -16.98 5.01
C ALA A 99 -20.96 -17.89 5.34
N ASN A 100 -20.71 -19.20 5.41
CA ASN A 100 -21.70 -20.20 5.81
C ASN A 100 -22.97 -20.17 4.96
N ASN A 101 -22.84 -19.93 3.66
CA ASN A 101 -23.98 -19.88 2.75
C ASN A 101 -23.91 -20.93 1.61
N GLY A 102 -23.00 -21.91 1.72
CA GLY A 102 -22.86 -22.96 0.71
C GLY A 102 -22.36 -22.51 -0.65
N VAL A 103 -21.77 -21.30 -0.74
CA VAL A 103 -21.31 -20.76 -2.00
C VAL A 103 -19.86 -20.35 -1.89
N CYS A 104 -19.04 -20.74 -2.87
CA CYS A 104 -17.67 -20.27 -2.97
C CYS A 104 -16.87 -20.39 -1.62
N GLY A 105 -16.09 -19.36 -1.20
CA GLY A 105 -15.38 -19.34 0.07
C GLY A 105 -15.93 -18.22 0.93
N VAL A 106 -15.05 -17.52 1.65
CA VAL A 106 -15.45 -16.42 2.52
C VAL A 106 -14.49 -15.26 2.32
N GLY A 107 -14.95 -14.07 2.68
CA GLY A 107 -14.10 -12.90 2.71
C GLY A 107 -13.31 -12.87 4.00
N VAL A 108 -12.23 -12.06 4.03
CA VAL A 108 -11.49 -11.87 5.29
C VAL A 108 -12.44 -11.23 6.34
N ALA A 109 -13.25 -10.27 5.90
CA ALA A 109 -14.21 -9.57 6.74
C ALA A 109 -15.57 -9.96 6.22
N TYR A 110 -15.95 -11.22 6.43
CA TYR A 110 -17.17 -11.79 5.85
C TYR A 110 -18.49 -11.20 6.34
N ASN A 111 -18.45 -10.32 7.35
CA ASN A 111 -19.65 -9.60 7.81
C ASN A 111 -19.58 -8.09 7.50
N ALA A 112 -18.55 -7.62 6.78
CA ALA A 112 -18.44 -6.22 6.41
C ALA A 112 -19.40 -5.88 5.26
N ARG A 113 -19.66 -4.57 5.05
CA ARG A 113 -20.44 -4.08 3.93
C ARG A 113 -19.47 -3.79 2.81
N ILE A 114 -19.83 -4.16 1.58
CA ILE A 114 -18.94 -4.04 0.43
C ILE A 114 -19.62 -3.36 -0.73
N GLY A 115 -18.88 -2.48 -1.39
CA GLY A 115 -19.34 -1.79 -2.58
C GLY A 115 -18.22 -1.67 -3.57
N GLY A 116 -18.52 -1.05 -4.69
CA GLY A 116 -17.52 -0.84 -5.72
C GLY A 116 -17.74 0.42 -6.51
N VAL A 117 -16.64 1.01 -6.98
CA VAL A 117 -16.71 2.15 -7.87
C VAL A 117 -16.32 1.64 -9.22
N ARG A 118 -17.19 1.78 -10.22
CA ARG A 118 -16.86 1.40 -11.58
C ARG A 118 -16.17 2.62 -12.14
N MET A 119 -14.84 2.58 -12.19
CA MET A 119 -14.04 3.73 -12.64
C MET A 119 -13.00 3.38 -13.70
N LEU A 120 -12.66 2.10 -13.89
CA LEU A 120 -11.62 1.72 -14.87
C LEU A 120 -12.16 1.27 -16.23
N ASP A 121 -13.47 1.24 -16.43
CA ASP A 121 -14.02 0.81 -17.72
C ASP A 121 -14.34 2.03 -18.56
N GLY A 122 -13.29 2.74 -18.90
CA GLY A 122 -13.36 3.98 -19.66
C GLY A 122 -12.08 4.78 -19.45
N GLU A 123 -12.06 6.03 -19.91
CA GLU A 123 -10.87 6.86 -19.77
C GLU A 123 -10.71 7.29 -18.32
N VAL A 124 -9.56 6.99 -17.71
CA VAL A 124 -9.29 7.36 -16.33
C VAL A 124 -8.62 8.73 -16.34
N THR A 125 -9.40 9.76 -16.02
CA THR A 125 -8.91 11.13 -15.93
C THR A 125 -8.72 11.52 -14.46
N ASP A 126 -8.13 12.70 -14.22
CA ASP A 126 -7.97 13.20 -12.86
C ASP A 126 -9.34 13.37 -12.19
N ALA A 127 -10.34 13.90 -12.91
CA ALA A 127 -11.69 14.06 -12.33
C ALA A 127 -12.31 12.70 -11.95
N VAL A 128 -12.15 11.68 -12.81
CA VAL A 128 -12.66 10.31 -12.54
C VAL A 128 -12.02 9.79 -11.26
N GLU A 129 -10.70 9.96 -11.14
CA GLU A 129 -9.99 9.49 -9.94
C GLU A 129 -10.47 10.23 -8.70
N ALA A 130 -10.61 11.57 -8.78
CA ALA A 130 -11.02 12.35 -7.62
C ALA A 130 -12.43 12.00 -7.15
N ARG A 131 -13.35 11.79 -8.10
CA ARG A 131 -14.72 11.44 -7.75
C ARG A 131 -14.80 10.02 -7.13
N SER A 132 -13.83 9.14 -7.45
CA SER A 132 -13.81 7.78 -6.89
C SER A 132 -13.22 7.78 -5.48
N LEU A 133 -12.04 8.40 -5.33
CA LEU A 133 -11.37 8.52 -4.03
C LEU A 133 -12.22 9.29 -3.03
N GLY A 134 -12.98 10.27 -3.51
CA GLY A 134 -13.82 11.11 -2.67
C GLY A 134 -15.25 10.65 -2.53
N LEU A 135 -15.56 9.40 -2.93
CA LEU A 135 -16.94 8.93 -2.86
C LEU A 135 -17.38 8.75 -1.40
N ASN A 136 -18.54 9.34 -1.02
CA ASN A 136 -19.19 9.14 0.29
C ASN A 136 -18.22 8.92 1.46
N PRO A 137 -17.35 9.92 1.72
CA PRO A 137 -16.27 9.73 2.70
C PRO A 137 -16.69 9.62 4.15
N ASN A 138 -17.94 9.95 4.47
CA ASN A 138 -18.44 9.77 5.83
C ASN A 138 -19.26 8.47 5.96
N HIS A 139 -19.30 7.62 4.91
CA HIS A 139 -19.96 6.34 4.95
C HIS A 139 -18.93 5.24 4.71
N ILE A 140 -18.08 5.38 3.67
CA ILE A 140 -17.06 4.39 3.34
C ILE A 140 -15.91 4.57 4.31
N HIS A 141 -15.41 3.48 4.90
CA HIS A 141 -14.30 3.56 5.84
C HIS A 141 -12.98 3.32 5.14
N ILE A 142 -12.94 2.31 4.25
CA ILE A 142 -11.74 1.83 3.58
C ILE A 142 -11.96 1.74 2.11
N TYR A 143 -11.00 2.22 1.32
CA TYR A 143 -11.01 2.15 -0.14
C TYR A 143 -9.86 1.23 -0.53
N SER A 144 -10.09 0.31 -1.46
CA SER A 144 -9.05 -0.61 -1.90
C SER A 144 -8.83 -0.36 -3.40
N ALA A 145 -7.58 -0.11 -3.82
CA ALA A 145 -7.27 0.14 -5.24
C ALA A 145 -6.09 -0.76 -5.61
N SER A 146 -6.26 -1.58 -6.65
CA SER A 146 -5.25 -2.54 -7.05
C SER A 146 -4.40 -2.10 -8.24
N TRP A 147 -4.65 -0.90 -8.79
CA TRP A 147 -4.01 -0.45 -10.03
C TRP A 147 -3.57 1.00 -9.97
N GLY A 148 -2.82 1.42 -10.97
CA GLY A 148 -2.33 2.79 -11.04
C GLY A 148 -1.71 3.03 -12.39
N PRO A 149 -0.70 3.90 -12.45
CA PRO A 149 -0.02 4.17 -13.72
C PRO A 149 0.57 2.90 -14.33
N GLU A 150 0.80 2.91 -15.64
CA GLU A 150 1.30 1.72 -16.34
C GLU A 150 2.54 1.10 -15.69
N ASP A 151 2.52 -0.22 -15.51
CA ASP A 151 3.61 -0.97 -14.89
C ASP A 151 4.57 -1.44 -15.98
N ASP A 152 4.94 -0.53 -16.88
CA ASP A 152 5.86 -0.85 -17.99
C ASP A 152 7.35 -0.66 -17.63
N GLY A 153 7.66 -0.18 -16.44
CA GLY A 153 9.04 0.06 -16.03
C GLY A 153 9.66 1.30 -16.66
N LYS A 154 8.83 2.18 -17.25
CA LYS A 154 9.33 3.42 -17.81
C LYS A 154 8.48 4.64 -17.48
N THR A 155 7.37 4.48 -16.76
CA THR A 155 6.49 5.59 -16.44
C THR A 155 6.80 6.18 -15.07
N VAL A 156 6.69 7.51 -14.95
CA VAL A 156 6.76 8.17 -13.66
C VAL A 156 5.49 8.99 -13.62
N ASP A 157 4.51 8.63 -12.80
CA ASP A 157 3.26 9.39 -12.77
C ASP A 157 2.57 9.19 -11.44
N GLY A 158 1.72 10.13 -11.11
CA GLY A 158 1.01 10.11 -9.85
C GLY A 158 -0.27 10.89 -9.94
N PRO A 159 -0.94 11.06 -8.80
CA PRO A 159 -2.20 11.80 -8.81
C PRO A 159 -2.00 13.24 -9.25
N ALA A 160 -2.82 13.69 -10.17
CA ALA A 160 -2.84 15.07 -10.62
C ALA A 160 -3.61 15.88 -9.51
N ARG A 161 -3.83 17.18 -9.70
CA ARG A 161 -4.35 18.04 -8.64
C ARG A 161 -5.65 17.55 -7.98
N LEU A 162 -6.71 17.22 -8.77
CA LEU A 162 -7.99 16.84 -8.14
C LEU A 162 -7.84 15.58 -7.32
N ALA A 163 -7.09 14.57 -7.82
CA ALA A 163 -6.88 13.34 -7.08
C ALA A 163 -6.06 13.56 -5.83
N GLU A 164 -5.01 14.40 -5.90
CA GLU A 164 -4.21 14.70 -4.69
C GLU A 164 -5.10 15.44 -3.66
N GLU A 165 -5.94 16.39 -4.12
CA GLU A 165 -6.89 17.05 -3.22
C GLU A 165 -7.85 16.04 -2.60
N ALA A 166 -8.31 15.03 -3.35
CA ALA A 166 -9.20 14.01 -2.80
C ALA A 166 -8.49 13.22 -1.70
N PHE A 167 -7.21 12.88 -1.89
CA PHE A 167 -6.45 12.20 -0.81
C PHE A 167 -6.38 13.11 0.44
N PHE A 168 -6.07 14.41 0.25
CA PHE A 168 -5.95 15.37 1.36
C PHE A 168 -7.28 15.46 2.10
N ARG A 169 -8.38 15.68 1.36
CA ARG A 169 -9.71 15.80 1.97
C ARG A 169 -10.10 14.51 2.68
N GLY A 170 -9.75 13.37 2.08
CA GLY A 170 -10.05 12.07 2.65
C GLY A 170 -9.39 11.86 3.99
N VAL A 171 -8.05 12.01 4.06
CA VAL A 171 -7.35 11.78 5.33
C VAL A 171 -7.65 12.84 6.38
N SER A 172 -8.01 14.08 5.95
CA SER A 172 -8.27 15.15 6.90
C SER A 172 -9.71 15.16 7.43
N GLN A 173 -10.72 15.16 6.56
CA GLN A 173 -12.13 15.25 6.96
C GLN A 173 -12.90 13.94 6.84
N GLY A 174 -12.42 12.99 6.04
CA GLY A 174 -13.12 11.72 5.88
C GLY A 174 -13.25 10.95 7.17
N ARG A 175 -14.25 10.07 7.24
CA ARG A 175 -14.51 9.23 8.40
C ARG A 175 -14.61 10.05 9.71
N GLY A 176 -15.40 11.12 9.67
CA GLY A 176 -15.61 11.96 10.84
C GLY A 176 -14.34 12.62 11.35
N GLY A 177 -13.40 12.88 10.45
CA GLY A 177 -12.15 13.52 10.84
C GLY A 177 -11.05 12.54 11.21
N LEU A 178 -11.34 11.23 11.29
CA LEU A 178 -10.31 10.21 11.58
C LEU A 178 -9.47 9.89 10.33
N GLY A 179 -10.04 10.11 9.15
CA GLY A 179 -9.37 9.95 7.88
C GLY A 179 -9.72 8.67 7.15
N SER A 180 -10.03 8.77 5.87
CA SER A 180 -10.27 7.62 5.00
C SER A 180 -9.01 6.75 4.97
N ILE A 181 -9.19 5.43 4.91
N ILE A 181 -9.18 5.43 4.93
CA ILE A 181 -8.10 4.49 4.80
CA ILE A 181 -8.04 4.51 4.84
C ILE A 181 -8.01 4.11 3.34
C ILE A 181 -7.95 4.03 3.40
N PHE A 182 -6.90 4.45 2.66
CA PHE A 182 -6.73 4.10 1.26
C PHE A 182 -5.70 2.97 1.21
N VAL A 183 -6.08 1.77 0.77
CA VAL A 183 -5.19 0.62 0.67
C VAL A 183 -4.83 0.50 -0.80
N TRP A 184 -3.53 0.37 -1.13
CA TRP A 184 -3.08 0.30 -2.51
C TRP A 184 -2.15 -0.86 -2.75
N ALA A 185 -2.23 -1.45 -3.95
CA ALA A 185 -1.31 -2.49 -4.36
C ALA A 185 -0.04 -1.78 -4.85
N SER A 186 1.16 -2.29 -4.49
CA SER A 186 2.40 -1.63 -4.92
C SER A 186 2.75 -1.81 -6.41
N GLY A 187 2.06 -2.72 -7.11
CA GLY A 187 2.28 -2.85 -8.56
C GLY A 187 2.57 -4.27 -9.04
N ASN A 188 2.43 -4.48 -10.36
CA ASN A 188 2.66 -5.78 -11.01
C ASN A 188 3.80 -5.70 -12.05
N GLY A 189 4.66 -4.68 -11.98
CA GLY A 189 5.70 -4.44 -12.98
C GLY A 189 7.02 -5.14 -12.77
N GLY A 190 7.05 -6.18 -11.96
CA GLY A 190 8.28 -6.90 -11.67
C GLY A 190 9.05 -7.39 -12.89
N ARG A 191 8.38 -7.98 -13.89
CA ARG A 191 9.11 -8.47 -15.09
C ARG A 191 9.72 -7.34 -15.93
N GLU A 192 9.16 -6.14 -15.82
CA GLU A 192 9.68 -4.96 -16.53
C GLU A 192 10.72 -4.22 -15.64
N HIS A 193 11.15 -4.81 -14.50
CA HIS A 193 12.09 -4.19 -13.57
C HIS A 193 11.56 -2.85 -13.09
N ASP A 194 10.24 -2.74 -12.88
CA ASP A 194 9.67 -1.49 -12.38
C ASP A 194 10.03 -1.30 -10.90
N SER A 195 10.07 -0.04 -10.45
CA SER A 195 10.47 0.39 -9.10
C SER A 195 9.27 1.19 -8.62
N CYS A 196 8.54 0.73 -7.57
CA CYS A 196 7.24 1.31 -7.24
C CYS A 196 7.25 2.76 -6.68
N ASN A 197 8.41 3.37 -6.34
CA ASN A 197 8.36 4.79 -5.92
C ASN A 197 8.06 5.70 -7.13
N CYS A 198 8.14 5.18 -8.38
CA CYS A 198 7.76 5.94 -9.57
C CYS A 198 6.24 5.96 -9.78
N ASP A 199 5.44 5.35 -8.89
CA ASP A 199 3.97 5.32 -8.96
C ASP A 199 3.55 6.18 -7.79
N GLY A 200 3.05 7.39 -8.06
CA GLY A 200 2.70 8.35 -7.01
C GLY A 200 1.55 7.95 -6.13
N TYR A 201 0.77 6.93 -6.53
CA TYR A 201 -0.37 6.49 -5.69
C TYR A 201 0.15 5.61 -4.57
N THR A 202 0.93 4.59 -4.89
CA THR A 202 1.49 3.72 -3.83
C THR A 202 2.58 4.49 -3.05
N ASN A 203 3.34 5.36 -3.75
CA ASN A 203 4.39 6.15 -3.09
C ASN A 203 3.85 7.26 -2.13
N SER A 204 2.54 7.51 -2.14
CA SER A 204 1.92 8.50 -1.27
C SER A 204 1.96 8.09 0.20
N ILE A 205 2.13 9.05 1.13
CA ILE A 205 2.01 8.72 2.55
C ILE A 205 0.56 8.39 2.90
N TYR A 206 -0.42 8.89 2.12
CA TYR A 206 -1.83 8.71 2.44
C TYR A 206 -2.36 7.32 2.08
N THR A 207 -1.57 6.50 1.35
CA THR A 207 -2.00 5.16 1.00
C THR A 207 -1.17 4.16 1.78
N LEU A 208 -1.83 3.09 2.22
CA LEU A 208 -1.21 2.03 3.00
C LEU A 208 -0.87 0.97 1.94
N SER A 209 0.40 0.95 1.49
CA SER A 209 0.80 0.13 0.35
C SER A 209 1.24 -1.27 0.69
N ILE A 210 0.79 -2.23 -0.17
CA ILE A 210 0.91 -3.64 0.08
C ILE A 210 1.55 -4.36 -1.09
N SER A 211 2.49 -5.27 -0.79
CA SER A 211 3.14 -6.09 -1.80
C SER A 211 2.73 -7.57 -1.57
N SER A 212 3.26 -8.50 -2.37
CA SER A 212 2.89 -9.91 -2.33
C SER A 212 4.03 -10.86 -1.97
N ALA A 213 3.64 -12.02 -1.43
CA ALA A 213 4.56 -13.14 -1.21
C ALA A 213 3.89 -14.36 -1.81
N THR A 214 4.67 -15.28 -2.36
CA THR A 214 4.09 -16.52 -2.91
C THR A 214 3.78 -17.48 -1.73
N GLN A 215 3.07 -18.60 -2.00
CA GLN A 215 2.77 -19.57 -0.97
C GLN A 215 4.02 -20.09 -0.28
N PHE A 216 5.11 -20.33 -1.04
CA PHE A 216 6.34 -20.84 -0.42
C PHE A 216 7.22 -19.73 0.17
N GLY A 217 6.70 -18.52 0.33
CA GLY A 217 7.40 -17.38 0.93
C GLY A 217 8.45 -16.73 0.06
N ASN A 218 8.21 -16.65 -1.25
CA ASN A 218 9.14 -16.02 -2.17
C ASN A 218 8.59 -14.71 -2.75
N VAL A 219 9.44 -13.95 -3.46
CA VAL A 219 9.07 -12.68 -4.03
C VAL A 219 8.57 -13.08 -5.42
N PRO A 220 7.29 -12.87 -5.70
CA PRO A 220 6.76 -13.31 -7.00
C PRO A 220 7.37 -12.58 -8.18
N TRP A 221 7.26 -13.19 -9.37
CA TRP A 221 7.81 -12.60 -10.59
C TRP A 221 7.32 -11.17 -10.86
N TYR A 222 6.09 -10.86 -10.46
CA TYR A 222 5.45 -9.57 -10.75
C TYR A 222 5.71 -8.49 -9.70
N SER A 223 6.35 -8.82 -8.59
CA SER A 223 6.56 -7.86 -7.51
C SER A 223 7.49 -6.70 -7.89
N GLU A 224 7.16 -5.48 -7.40
CA GLU A 224 8.01 -4.30 -7.56
C GLU A 224 8.59 -4.00 -6.20
N ALA A 225 9.90 -3.78 -6.13
CA ALA A 225 10.52 -3.40 -4.86
C ALA A 225 10.51 -1.88 -4.74
N CYS A 226 10.30 -1.36 -3.52
CA CYS A 226 10.45 0.07 -3.26
C CYS A 226 10.32 0.37 -1.79
N SER A 227 10.86 1.54 -1.37
CA SER A 227 10.88 1.92 0.03
C SER A 227 9.51 2.39 0.53
N SER A 228 8.55 2.72 -0.35
CA SER A 228 7.24 3.22 0.11
C SER A 228 6.31 2.09 0.59
N THR A 229 6.61 0.81 0.26
CA THR A 229 5.72 -0.30 0.69
C THR A 229 5.75 -0.45 2.20
N LEU A 230 4.59 -0.77 2.79
CA LEU A 230 4.51 -0.94 4.25
C LEU A 230 4.49 -2.40 4.67
N ALA A 231 3.73 -3.27 3.94
CA ALA A 231 3.57 -4.65 4.38
C ALA A 231 3.13 -5.54 3.18
N THR A 232 2.91 -6.84 3.43
CA THR A 232 2.65 -7.84 2.43
C THR A 232 1.48 -8.71 2.80
N THR A 233 0.82 -9.23 1.77
CA THR A 233 -0.14 -10.32 1.94
C THR A 233 0.23 -11.39 0.90
N TYR A 234 -0.22 -12.60 1.13
CA TYR A 234 -0.03 -13.67 0.17
C TYR A 234 -0.78 -13.40 -1.13
N SER A 235 -0.21 -13.90 -2.22
CA SER A 235 -0.88 -13.92 -3.51
C SER A 235 -0.30 -15.08 -4.35
N SER A 236 -0.41 -15.04 -5.68
CA SER A 236 0.03 -16.11 -6.56
C SER A 236 1.55 -16.12 -6.78
N GLY A 237 2.04 -17.23 -7.32
CA GLY A 237 3.46 -17.40 -7.64
C GLY A 237 3.59 -18.28 -8.86
N ASN A 238 4.38 -19.35 -8.75
CA ASN A 238 4.58 -20.28 -9.86
C ASN A 238 3.40 -21.25 -9.97
N GLN A 239 3.43 -22.17 -10.94
CA GLN A 239 2.29 -23.05 -11.16
C GLN A 239 2.20 -24.22 -10.16
N ASN A 240 3.17 -24.37 -9.25
CA ASN A 240 3.07 -25.36 -8.16
C ASN A 240 2.52 -24.71 -6.87
N GLU A 241 2.34 -23.37 -6.84
CA GLU A 241 1.87 -22.64 -5.69
C GLU A 241 0.41 -22.29 -5.90
N LYS A 242 -0.35 -22.30 -4.82
CA LYS A 242 -1.76 -21.97 -4.89
C LYS A 242 -1.98 -20.47 -5.09
N GLN A 243 -3.20 -20.12 -5.49
CA GLN A 243 -3.54 -18.75 -5.85
C GLN A 243 -4.73 -18.28 -4.98
N ILE A 244 -5.36 -17.13 -5.33
CA ILE A 244 -6.43 -16.60 -4.49
C ILE A 244 -7.77 -17.14 -4.96
N VAL A 245 -8.61 -17.55 -3.99
CA VAL A 245 -9.91 -18.18 -4.24
C VAL A 245 -10.97 -17.17 -3.89
N THR A 246 -11.83 -16.79 -4.86
CA THR A 246 -12.80 -15.71 -4.63
C THR A 246 -13.99 -15.77 -5.61
N THR A 247 -14.92 -14.82 -5.46
CA THR A 247 -16.08 -14.68 -6.31
C THR A 247 -15.65 -14.23 -7.69
N ASP A 248 -16.35 -14.67 -8.74
CA ASP A 248 -16.01 -14.28 -10.10
C ASP A 248 -17.27 -13.81 -10.82
N LEU A 249 -17.06 -13.12 -11.93
CA LEU A 249 -18.15 -12.60 -12.76
C LEU A 249 -19.04 -13.76 -13.27
N ARG A 250 -20.32 -13.46 -13.47
CA ARG A 250 -21.34 -14.42 -13.90
C ARG A 250 -21.66 -15.44 -12.81
N GLN A 251 -21.68 -14.96 -11.55
CA GLN A 251 -22.07 -15.74 -10.38
C GLN A 251 -21.25 -17.02 -10.23
N LYS A 252 -19.96 -16.94 -10.57
CA LYS A 252 -19.05 -18.06 -10.51
C LYS A 252 -18.04 -17.91 -9.36
N CYS A 253 -17.18 -18.90 -9.22
CA CYS A 253 -16.10 -18.94 -8.25
C CYS A 253 -14.81 -19.11 -9.04
N THR A 254 -13.71 -18.49 -8.60
CA THR A 254 -12.41 -18.68 -9.23
C THR A 254 -11.42 -19.14 -8.19
N GLU A 255 -10.47 -19.97 -8.61
CA GLU A 255 -9.34 -20.37 -7.76
C GLU A 255 -8.01 -19.82 -8.35
N SER A 256 -8.07 -18.90 -9.33
CA SER A 256 -6.88 -18.42 -10.02
C SER A 256 -6.81 -16.90 -10.09
N HIS A 257 -7.12 -16.24 -8.98
CA HIS A 257 -6.98 -14.78 -8.88
C HIS A 257 -5.51 -14.54 -8.42
N THR A 258 -4.83 -13.57 -9.07
CA THR A 258 -3.39 -13.42 -8.98
C THR A 258 -2.88 -11.96 -8.85
N GLY A 259 -1.56 -11.83 -8.63
CA GLY A 259 -0.87 -10.55 -8.67
C GLY A 259 -0.94 -9.77 -7.39
N THR A 260 -0.18 -8.68 -7.35
CA THR A 260 -0.26 -7.77 -6.20
C THR A 260 -1.66 -7.13 -6.15
N SER A 261 -2.32 -7.03 -7.29
CA SER A 261 -3.67 -6.54 -7.43
C SER A 261 -4.69 -7.44 -6.64
N ALA A 262 -4.30 -8.68 -6.27
CA ALA A 262 -5.13 -9.54 -5.39
C ALA A 262 -4.67 -9.42 -3.91
N SER A 263 -3.48 -8.86 -3.64
CA SER A 263 -3.00 -8.68 -2.27
C SER A 263 -3.67 -7.49 -1.58
N ALA A 264 -3.85 -6.36 -2.29
CA ALA A 264 -4.45 -5.18 -1.65
C ALA A 264 -5.84 -5.46 -1.04
N PRO A 265 -6.75 -6.18 -1.73
CA PRO A 265 -8.05 -6.47 -1.10
C PRO A 265 -7.96 -7.31 0.16
N LEU A 266 -6.99 -8.26 0.22
CA LEU A 266 -6.83 -9.05 1.46
C LEU A 266 -6.39 -8.14 2.60
N ALA A 267 -5.50 -7.15 2.31
CA ALA A 267 -5.10 -6.18 3.34
C ALA A 267 -6.30 -5.32 3.73
N ALA A 268 -7.13 -4.88 2.77
CA ALA A 268 -8.31 -4.08 3.09
C ALA A 268 -9.26 -4.84 4.03
N GLY A 269 -9.40 -6.15 3.82
CA GLY A 269 -10.23 -6.96 4.72
C GLY A 269 -9.62 -7.08 6.11
N ILE A 270 -8.29 -7.24 6.22
CA ILE A 270 -7.64 -7.27 7.54
C ILE A 270 -7.79 -5.91 8.24
N ILE A 271 -7.67 -4.82 7.50
CA ILE A 271 -7.86 -3.47 8.05
C ILE A 271 -9.32 -3.30 8.51
N ALA A 272 -10.29 -3.92 7.81
CA ALA A 272 -11.69 -3.84 8.24
C ALA A 272 -11.88 -4.55 9.58
N LEU A 273 -11.24 -5.71 9.79
CA LEU A 273 -11.34 -6.39 11.11
C LEU A 273 -10.74 -5.51 12.21
N THR A 274 -9.61 -4.87 11.91
CA THR A 274 -8.90 -4.00 12.86
C THR A 274 -9.77 -2.80 13.23
N LEU A 275 -10.46 -2.20 12.24
CA LEU A 275 -11.33 -1.07 12.51
C LEU A 275 -12.55 -1.46 13.32
N GLU A 276 -13.05 -2.71 13.17
CA GLU A 276 -14.15 -3.16 14.02
C GLU A 276 -13.65 -3.25 15.47
N ALA A 277 -12.42 -3.70 15.68
CA ALA A 277 -11.83 -3.81 17.03
C ALA A 277 -11.62 -2.43 17.68
N ASN A 278 -11.44 -1.38 16.89
CA ASN A 278 -11.32 -0.02 17.43
C ASN A 278 -11.74 0.98 16.37
N LYS A 279 -12.99 1.42 16.40
CA LYS A 279 -13.53 2.35 15.42
C LYS A 279 -12.91 3.75 15.44
N ASN A 280 -12.21 4.10 16.52
CA ASN A 280 -11.60 5.41 16.66
C ASN A 280 -10.19 5.50 16.10
N LEU A 281 -9.67 4.45 15.44
CA LEU A 281 -8.33 4.51 14.88
C LEU A 281 -8.30 5.51 13.75
N THR A 282 -7.25 6.32 13.68
CA THR A 282 -7.08 7.29 12.60
C THR A 282 -6.33 6.63 11.44
N TRP A 283 -6.23 7.33 10.29
CA TRP A 283 -5.50 6.80 9.14
C TRP A 283 -4.03 6.56 9.49
N ARG A 284 -3.43 7.40 10.37
CA ARG A 284 -2.03 7.17 10.76
C ARG A 284 -1.93 6.08 11.80
N ASP A 285 -2.91 5.96 12.74
CA ASP A 285 -2.88 4.86 13.71
C ASP A 285 -2.84 3.51 12.97
N MET A 286 -3.62 3.41 11.86
CA MET A 286 -3.67 2.15 11.10
C MET A 286 -2.30 1.82 10.54
N GLN A 287 -1.54 2.81 10.04
CA GLN A 287 -0.21 2.54 9.52
C GLN A 287 0.74 2.12 10.64
N HIS A 288 0.65 2.76 11.81
CA HIS A 288 1.47 2.37 12.98
C HIS A 288 1.18 0.91 13.36
N LEU A 289 -0.08 0.50 13.40
CA LEU A 289 -0.44 -0.90 13.75
C LEU A 289 0.19 -1.89 12.77
N VAL A 290 0.17 -1.55 11.49
CA VAL A 290 0.76 -2.43 10.46
C VAL A 290 2.26 -2.55 10.67
N VAL A 291 2.96 -1.44 10.92
CA VAL A 291 4.41 -1.47 11.15
C VAL A 291 4.75 -2.34 12.36
N GLN A 292 4.01 -2.16 13.46
CA GLN A 292 4.31 -2.90 14.69
C GLN A 292 3.98 -4.39 14.65
N THR A 293 2.91 -4.79 13.95
CA THR A 293 2.46 -6.20 14.02
C THR A 293 2.85 -7.09 12.85
N SER A 294 3.33 -6.53 11.74
CA SER A 294 3.66 -7.35 10.57
C SER A 294 4.87 -8.23 10.85
N LYS A 295 4.89 -9.40 10.22
CA LYS A 295 5.84 -10.47 10.50
C LYS A 295 6.79 -10.80 9.33
N PRO A 296 8.09 -10.60 9.49
CA PRO A 296 9.03 -10.98 8.43
C PRO A 296 9.27 -12.49 8.33
N ALA A 297 9.12 -13.26 9.43
CA ALA A 297 9.51 -14.67 9.49
C ALA A 297 9.16 -15.49 8.28
N HIS A 298 10.15 -16.22 7.76
CA HIS A 298 10.04 -17.14 6.63
C HIS A 298 9.72 -16.48 5.28
N LEU A 299 9.83 -15.15 5.16
CA LEU A 299 9.68 -14.49 3.88
C LEU A 299 11.11 -14.34 3.36
N ASN A 300 11.40 -14.91 2.18
CA ASN A 300 12.73 -14.90 1.60
C ASN A 300 12.99 -13.67 0.74
N ALA A 301 14.07 -12.94 1.07
CA ALA A 301 14.54 -11.79 0.28
C ALA A 301 16.02 -11.57 0.59
N ASN A 302 16.80 -11.05 -0.36
N ASN A 302 16.77 -11.05 -0.36
CA ASN A 302 18.24 -10.82 -0.13
CA ASN A 302 18.20 -10.80 -0.17
C ASN A 302 18.52 -9.39 0.37
C ASN A 302 18.50 -9.49 0.56
N ASP A 303 17.48 -8.61 0.77
CA ASP A 303 17.68 -7.28 1.30
C ASP A 303 17.07 -7.03 2.67
N TRP A 304 16.83 -8.06 3.50
CA TRP A 304 16.28 -7.80 4.84
C TRP A 304 17.33 -7.02 5.63
N ALA A 305 16.91 -5.94 6.26
CA ALA A 305 17.83 -5.11 7.04
C ALA A 305 17.14 -4.72 8.32
N THR A 306 17.90 -4.52 9.39
CA THR A 306 17.34 -4.09 10.67
C THR A 306 17.48 -2.58 10.71
N ASN A 307 16.37 -1.87 10.96
CA ASN A 307 16.39 -0.43 10.99
C ASN A 307 16.84 0.10 12.40
N GLY A 308 16.75 1.40 12.62
CA GLY A 308 17.25 2.04 13.83
C GLY A 308 16.55 1.66 15.11
N VAL A 309 15.30 1.15 15.00
CA VAL A 309 14.55 0.73 16.18
C VAL A 309 14.40 -0.79 16.26
N GLY A 310 15.27 -1.54 15.59
CA GLY A 310 15.32 -2.99 15.68
C GLY A 310 14.32 -3.76 14.86
N ARG A 311 13.60 -3.12 13.92
CA ARG A 311 12.62 -3.84 13.10
C ARG A 311 13.24 -4.27 11.78
N LYS A 312 12.91 -5.48 11.31
CA LYS A 312 13.39 -5.92 10.00
C LYS A 312 12.50 -5.30 8.94
N VAL A 313 13.10 -4.85 7.84
N VAL A 313 13.11 -4.85 7.84
CA VAL A 313 12.35 -4.23 6.76
CA VAL A 313 12.36 -4.23 6.74
C VAL A 313 13.01 -4.59 5.43
C VAL A 313 13.03 -4.66 5.43
N SER A 314 12.20 -4.82 4.40
CA SER A 314 12.64 -5.21 3.07
C SER A 314 11.95 -4.31 2.07
N HIS A 315 12.59 -4.05 0.93
CA HIS A 315 11.96 -3.28 -0.15
C HIS A 315 10.91 -4.13 -0.91
N SER A 316 10.98 -5.46 -0.79
CA SER A 316 9.97 -6.33 -1.43
C SER A 316 8.75 -6.52 -0.54
N TYR A 317 8.95 -6.55 0.79
CA TYR A 317 7.85 -6.87 1.70
C TYR A 317 7.46 -5.80 2.71
N GLY A 318 8.20 -4.70 2.78
CA GLY A 318 7.99 -3.70 3.84
C GLY A 318 8.33 -4.35 5.18
N TYR A 319 7.44 -4.23 6.17
CA TYR A 319 7.65 -4.83 7.49
C TYR A 319 7.25 -6.31 7.59
N GLY A 320 6.79 -6.90 6.49
CA GLY A 320 6.48 -8.32 6.47
C GLY A 320 5.01 -8.61 6.24
N LEU A 321 4.63 -9.82 6.55
CA LEU A 321 3.28 -10.29 6.31
C LEU A 321 2.32 -9.70 7.30
N LEU A 322 1.12 -9.30 6.86
CA LEU A 322 0.10 -8.84 7.81
C LEU A 322 -0.32 -10.01 8.71
N ASP A 323 -0.62 -9.71 9.96
CA ASP A 323 -1.02 -10.69 10.96
C ASP A 323 -2.33 -10.18 11.54
N ALA A 324 -3.45 -10.70 11.06
CA ALA A 324 -4.77 -10.19 11.48
C ALA A 324 -5.04 -10.36 12.97
N GLY A 325 -4.71 -11.50 13.55
CA GLY A 325 -4.88 -11.72 14.99
C GLY A 325 -4.11 -10.70 15.83
N ALA A 326 -2.87 -10.38 15.42
CA ALA A 326 -2.06 -9.40 16.15
C ALA A 326 -2.61 -7.98 15.95
N MET A 327 -3.04 -7.65 14.74
CA MET A 327 -3.59 -6.32 14.42
C MET A 327 -4.81 -6.02 15.30
N VAL A 328 -5.76 -6.97 15.39
N VAL A 328 -5.72 -6.96 15.36
CA VAL A 328 -6.99 -6.74 16.17
CA VAL A 328 -6.95 -6.84 16.13
C VAL A 328 -6.69 -6.74 17.66
C VAL A 328 -6.65 -6.72 17.64
N ALA A 329 -5.70 -7.51 18.14
CA ALA A 329 -5.34 -7.50 19.55
C ALA A 329 -4.69 -6.18 19.96
N LEU A 330 -3.79 -5.63 19.12
CA LEU A 330 -3.13 -4.37 19.44
C LEU A 330 -4.08 -3.18 19.26
N ALA A 331 -5.03 -3.24 18.33
CA ALA A 331 -6.00 -2.16 18.12
C ALA A 331 -6.87 -1.83 19.35
N GLN A 332 -7.30 -2.85 20.08
CA GLN A 332 -8.27 -2.67 21.16
C GLN A 332 -7.91 -1.60 22.19
N ASN A 333 -6.69 -1.59 22.69
CA ASN A 333 -6.27 -0.57 23.66
C ASN A 333 -5.28 0.44 23.06
N TRP A 334 -5.26 0.61 21.74
CA TRP A 334 -4.35 1.55 21.10
C TRP A 334 -4.68 2.99 21.52
N THR A 335 -3.64 3.76 21.90
CA THR A 335 -3.78 5.18 22.24
C THR A 335 -3.55 5.95 20.95
N THR A 336 -4.49 6.84 20.59
CA THR A 336 -4.37 7.66 19.37
C THR A 336 -3.04 8.40 19.30
N VAL A 337 -2.36 8.32 18.16
CA VAL A 337 -1.09 9.03 18.00
C VAL A 337 -1.31 10.54 18.04
N ALA A 338 -0.25 11.27 18.41
CA ALA A 338 -0.34 12.73 18.49
C ALA A 338 -0.51 13.34 17.09
N PRO A 339 -0.95 14.61 16.98
CA PRO A 339 -1.11 15.21 15.64
C PRO A 339 0.16 15.14 14.80
N GLN A 340 0.00 15.00 13.48
CA GLN A 340 1.13 14.88 12.57
C GLN A 340 1.89 16.20 12.43
N ARG A 341 3.21 16.15 12.61
CA ARG A 341 4.12 17.28 12.42
C ARG A 341 4.82 17.07 11.07
N LYS A 342 5.26 18.16 10.45
CA LYS A 342 5.91 18.14 9.14
C LYS A 342 7.10 19.10 9.23
N CYS A 343 8.31 18.61 9.01
CA CYS A 343 9.51 19.41 9.08
C CYS A 343 10.15 19.44 7.70
N ILE A 344 10.26 20.63 7.11
CA ILE A 344 10.77 20.82 5.77
C ILE A 344 12.18 21.31 5.83
N ILE A 345 13.12 20.63 5.16
CA ILE A 345 14.52 21.04 5.17
C ILE A 345 14.99 21.13 3.74
N ASP A 346 15.28 22.35 3.26
CA ASP A 346 15.79 22.55 1.91
C ASP A 346 17.29 22.29 2.04
N ILE A 347 17.82 21.27 1.35
CA ILE A 347 19.19 20.81 1.56
C ILE A 347 20.28 21.54 0.76
N LEU A 348 20.12 21.69 -0.56
CA LEU A 348 21.18 22.27 -1.39
C LEU A 348 21.39 23.77 -1.25
N THR A 349 22.67 24.18 -1.22
CA THR A 349 23.04 25.59 -1.27
C THR A 349 23.28 26.02 -2.75
N GLU A 350 23.46 25.06 -3.69
CA GLU A 350 23.69 25.32 -5.11
C GLU A 350 23.38 24.03 -5.92
N PRO A 351 23.09 24.12 -7.23
CA PRO A 351 22.89 22.87 -8.02
C PRO A 351 24.16 22.03 -8.07
N LYS A 352 24.01 20.70 -8.19
CA LYS A 352 25.13 19.78 -8.18
C LYS A 352 25.13 18.89 -9.40
N ASP A 353 26.28 18.80 -10.06
N ASP A 353 26.25 18.84 -10.16
CA ASP A 353 26.46 17.93 -11.22
CA ASP A 353 26.33 17.95 -11.32
C ASP A 353 26.37 16.47 -10.76
C ASP A 353 26.36 16.51 -10.81
N ILE A 354 25.60 15.62 -11.47
CA ILE A 354 25.49 14.22 -11.07
C ILE A 354 26.71 13.39 -11.49
N GLY A 355 27.07 13.42 -12.77
CA GLY A 355 28.21 12.64 -13.26
C GLY A 355 28.04 11.15 -13.02
N LYS A 356 29.10 10.44 -12.64
CA LYS A 356 29.03 9.01 -12.35
C LYS A 356 28.36 8.73 -10.99
N ARG A 357 28.62 9.61 -10.01
CA ARG A 357 28.11 9.43 -8.67
C ARG A 357 28.08 10.76 -7.95
N LEU A 358 27.04 11.01 -7.18
CA LEU A 358 26.90 12.23 -6.42
C LEU A 358 26.44 11.83 -5.03
N GLU A 359 27.08 12.38 -4.01
CA GLU A 359 26.68 12.14 -2.64
C GLU A 359 26.43 13.51 -2.00
N VAL A 360 25.28 13.68 -1.33
CA VAL A 360 24.95 14.93 -0.64
C VAL A 360 24.75 14.55 0.81
N ARG A 361 25.52 15.13 1.73
CA ARG A 361 25.41 14.86 3.16
C ARG A 361 24.90 16.11 3.84
N LYS A 362 23.97 15.98 4.78
CA LYS A 362 23.50 17.16 5.52
C LYS A 362 23.09 16.73 6.90
N THR A 363 23.51 17.48 7.91
CA THR A 363 23.14 17.23 9.30
C THR A 363 21.98 18.16 9.58
N VAL A 364 20.87 17.61 10.06
CA VAL A 364 19.66 18.39 10.32
C VAL A 364 19.28 18.29 11.78
N THR A 365 18.55 19.30 12.27
CA THR A 365 18.06 19.28 13.66
C THR A 365 16.58 18.82 13.74
N ALA A 366 15.91 18.56 12.58
CA ALA A 366 14.53 18.14 12.52
C ALA A 366 13.62 19.12 13.23
N CYS A 367 13.81 20.42 12.94
CA CYS A 367 12.95 21.48 13.46
C CYS A 367 13.00 21.61 14.97
N LEU A 368 14.21 21.45 15.53
CA LEU A 368 14.42 21.60 16.97
C LEU A 368 13.97 23.01 17.45
N GLY A 369 13.28 23.05 18.57
CA GLY A 369 12.80 24.31 19.13
C GLY A 369 11.52 24.85 18.50
N GLU A 370 10.94 24.12 17.53
CA GLU A 370 9.73 24.55 16.83
C GLU A 370 8.54 23.60 17.10
N PRO A 371 7.29 24.03 16.86
CA PRO A 371 6.14 23.13 17.00
C PRO A 371 6.18 21.91 16.11
N ASN A 372 6.93 21.95 14.99
CA ASN A 372 7.05 20.81 14.10
C ASN A 372 8.30 19.97 14.39
N HIS A 373 8.90 20.11 15.60
CA HIS A 373 10.05 19.28 15.96
C HIS A 373 9.66 17.80 15.93
N ILE A 374 10.41 16.96 15.22
CA ILE A 374 10.11 15.54 15.14
C ILE A 374 11.23 14.76 15.77
N THR A 375 10.91 13.95 16.79
CA THR A 375 11.85 13.00 17.37
C THR A 375 11.44 11.56 17.02
N ARG A 376 10.22 11.33 16.48
CA ARG A 376 9.70 10.00 16.12
C ARG A 376 9.17 10.10 14.70
N LEU A 377 9.97 9.63 13.75
CA LEU A 377 9.63 9.73 12.34
C LEU A 377 8.50 8.76 11.96
N GLU A 378 7.73 9.11 10.94
CA GLU A 378 6.76 8.21 10.34
C GLU A 378 7.33 8.09 8.91
N HIS A 379 6.77 8.80 7.93
CA HIS A 379 7.27 8.76 6.57
C HIS A 379 8.36 9.81 6.41
N ALA A 380 9.30 9.59 5.48
CA ALA A 380 10.27 10.60 5.09
C ALA A 380 10.28 10.65 3.58
N GLN A 381 10.40 11.84 3.01
CA GLN A 381 10.47 12.02 1.57
C GLN A 381 11.72 12.77 1.19
N ALA A 382 12.32 12.39 0.05
CA ALA A 382 13.40 13.17 -0.52
C ALA A 382 12.77 13.70 -1.81
N ARG A 383 12.34 14.97 -1.82
CA ARG A 383 11.71 15.54 -3.00
C ARG A 383 12.80 16.07 -3.89
N LEU A 384 13.02 15.41 -5.04
CA LEU A 384 14.13 15.77 -5.90
C LEU A 384 13.71 16.36 -7.22
N THR A 385 14.45 17.38 -7.65
CA THR A 385 14.30 17.95 -8.97
C THR A 385 15.65 17.75 -9.63
N LEU A 386 15.69 17.02 -10.74
CA LEU A 386 16.96 16.80 -11.43
C LEU A 386 16.74 16.58 -12.91
N SER A 387 17.79 16.86 -13.69
CA SER A 387 17.79 16.59 -15.12
C SER A 387 18.77 15.44 -15.33
N TYR A 388 18.48 14.60 -16.32
CA TYR A 388 19.38 13.49 -16.65
C TYR A 388 19.04 13.01 -18.07
N ASN A 389 20.05 12.59 -18.82
CA ASN A 389 19.81 12.15 -20.21
C ASN A 389 19.11 10.78 -20.33
N ARG A 390 19.30 9.83 -19.38
CA ARG A 390 18.65 8.51 -19.47
C ARG A 390 18.23 8.13 -18.07
N ARG A 391 16.98 8.44 -17.74
CA ARG A 391 16.51 8.33 -16.37
C ARG A 391 16.70 6.97 -15.72
N GLY A 392 16.46 5.91 -16.48
CA GLY A 392 16.55 4.54 -15.96
C GLY A 392 17.92 4.08 -15.51
N ASP A 393 18.96 4.81 -15.92
CA ASP A 393 20.32 4.47 -15.49
C ASP A 393 20.59 4.93 -14.07
N LEU A 394 19.73 5.77 -13.47
CA LEU A 394 19.95 6.23 -12.10
C LEU A 394 19.46 5.25 -11.05
N ALA A 395 20.22 5.14 -9.96
CA ALA A 395 19.83 4.47 -8.73
C ALA A 395 20.02 5.52 -7.64
N ILE A 396 19.07 5.62 -6.71
CA ILE A 396 19.11 6.64 -5.68
C ILE A 396 18.89 5.98 -4.34
N HIS A 397 19.74 6.30 -3.34
CA HIS A 397 19.60 5.78 -1.98
C HIS A 397 19.59 6.93 -1.00
N LEU A 398 18.94 6.73 0.13
CA LEU A 398 18.88 7.74 1.20
C LEU A 398 19.22 7.00 2.49
N VAL A 399 20.19 7.47 3.26
CA VAL A 399 20.60 6.83 4.51
C VAL A 399 20.20 7.75 5.65
N SER A 400 19.48 7.20 6.63
CA SER A 400 19.02 8.00 7.75
C SER A 400 20.15 8.14 8.79
N PRO A 401 20.01 9.09 9.74
CA PRO A 401 21.00 9.19 10.83
C PRO A 401 21.23 7.88 11.60
N MET A 402 20.20 7.01 11.70
N MET A 402 20.21 7.02 11.69
CA MET A 402 20.35 5.72 12.38
CA MET A 402 20.38 5.74 12.38
C MET A 402 20.97 4.62 11.49
C MET A 402 20.88 4.61 11.46
N GLY A 403 21.45 4.97 10.29
CA GLY A 403 22.12 4.06 9.39
C GLY A 403 21.21 3.21 8.53
N THR A 404 19.92 3.57 8.40
CA THR A 404 19.00 2.78 7.59
C THR A 404 19.08 3.25 6.13
N ARG A 405 19.51 2.37 5.23
CA ARG A 405 19.65 2.70 3.81
C ARG A 405 18.38 2.34 3.05
N SER A 406 17.66 3.36 2.56
CA SER A 406 16.46 3.16 1.77
C SER A 406 16.78 3.34 0.31
N THR A 407 16.38 2.39 -0.54
CA THR A 407 16.55 2.55 -1.97
C THR A 407 15.35 3.37 -2.40
N LEU A 408 15.57 4.60 -2.84
CA LEU A 408 14.49 5.45 -3.33
C LEU A 408 14.16 5.13 -4.79
N LEU A 409 15.16 4.71 -5.57
CA LEU A 409 14.96 4.37 -6.97
C LEU A 409 15.99 3.35 -7.36
N ALA A 410 15.57 2.21 -7.94
CA ALA A 410 16.52 1.24 -8.45
C ALA A 410 16.64 1.50 -9.96
N ALA A 411 17.69 1.01 -10.62
CA ALA A 411 17.85 1.17 -12.07
C ALA A 411 16.62 0.52 -12.78
N ARG A 412 16.07 1.20 -13.80
CA ARG A 412 14.93 0.75 -14.59
C ARG A 412 15.39 0.69 -16.04
N PRO A 413 15.85 -0.47 -16.52
CA PRO A 413 16.44 -0.56 -17.87
C PRO A 413 15.60 -0.05 -19.02
N HIS A 414 14.28 -0.17 -18.91
CA HIS A 414 13.40 0.28 -20.00
C HIS A 414 13.14 1.79 -19.97
N ASP A 415 13.54 2.51 -18.89
CA ASP A 415 13.25 3.92 -18.78
C ASP A 415 14.30 4.75 -19.51
N TYR A 416 14.01 5.09 -20.77
CA TYR A 416 14.94 5.88 -21.58
C TYR A 416 14.68 7.40 -21.49
N SER A 417 13.71 7.84 -20.70
CA SER A 417 13.31 9.25 -20.65
C SER A 417 14.43 10.22 -20.35
N ALA A 418 14.43 11.36 -21.08
CA ALA A 418 15.35 12.46 -20.81
C ALA A 418 14.60 13.55 -19.98
N ASP A 419 13.41 13.27 -19.40
CA ASP A 419 12.62 14.26 -18.66
C ASP A 419 13.00 14.42 -17.21
N GLY A 420 13.84 13.52 -16.65
CA GLY A 420 14.28 13.65 -15.27
C GLY A 420 13.14 13.54 -14.28
N PHE A 421 13.32 14.17 -13.09
CA PHE A 421 12.30 14.18 -12.04
C PHE A 421 11.99 15.62 -11.70
N ASN A 422 10.70 15.97 -11.65
CA ASN A 422 10.29 17.34 -11.37
C ASN A 422 9.64 17.38 -10.02
N ASP A 423 10.44 17.65 -8.97
CA ASP A 423 10.00 17.66 -7.57
C ASP A 423 9.28 16.35 -7.23
N TRP A 424 9.92 15.22 -7.54
CA TRP A 424 9.29 13.92 -7.29
C TRP A 424 9.56 13.55 -5.84
N ALA A 425 8.48 13.26 -5.08
CA ALA A 425 8.57 12.98 -3.66
C ALA A 425 8.84 11.52 -3.32
N PHE A 426 10.08 11.03 -3.55
CA PHE A 426 10.43 9.65 -3.22
C PHE A 426 10.23 9.39 -1.73
N MET A 427 9.46 8.37 -1.36
CA MET A 427 9.12 8.17 0.05
C MET A 427 9.66 6.87 0.60
N THR A 428 10.05 6.90 1.89
CA THR A 428 10.48 5.68 2.56
C THR A 428 9.73 5.52 3.87
N THR A 429 9.29 4.28 4.15
CA THR A 429 8.70 3.91 5.43
C THR A 429 9.73 3.19 6.30
N HIS A 430 10.96 2.93 5.79
CA HIS A 430 11.95 2.10 6.50
C HIS A 430 12.56 2.71 7.74
N SER A 431 12.39 4.04 7.94
CA SER A 431 12.92 4.69 9.13
C SER A 431 11.81 5.06 10.13
N TRP A 432 10.65 4.41 10.04
CA TRP A 432 9.51 4.63 10.93
C TRP A 432 9.95 4.42 12.38
N ASP A 433 9.62 5.38 13.26
CA ASP A 433 9.92 5.42 14.68
C ASP A 433 11.38 5.81 15.00
N GLU A 434 12.23 6.03 13.98
CA GLU A 434 13.60 6.50 14.24
C GLU A 434 13.61 7.99 14.58
N ASP A 435 14.67 8.46 15.23
CA ASP A 435 14.85 9.89 15.51
C ASP A 435 15.54 10.44 14.26
N PRO A 436 14.93 11.41 13.54
CA PRO A 436 15.52 11.88 12.28
C PRO A 436 16.61 12.98 12.42
N SER A 437 16.95 13.37 13.64
CA SER A 437 18.01 14.37 13.85
C SER A 437 19.34 13.75 13.48
N GLY A 438 20.25 14.49 12.86
CA GLY A 438 21.57 13.98 12.53
C GLY A 438 21.85 13.99 11.05
N GLU A 439 22.85 13.22 10.63
CA GLU A 439 23.27 13.20 9.24
C GLU A 439 22.41 12.31 8.36
N TRP A 440 21.87 12.90 7.29
CA TRP A 440 21.17 12.16 6.22
C TRP A 440 22.13 12.18 5.01
N VAL A 441 22.17 11.11 4.22
CA VAL A 441 23.04 11.04 3.05
C VAL A 441 22.20 10.65 1.84
N LEU A 442 22.24 11.44 0.76
CA LEU A 442 21.56 11.09 -0.49
C LEU A 442 22.65 10.64 -1.45
N GLU A 443 22.47 9.50 -2.11
CA GLU A 443 23.44 8.98 -3.07
C GLU A 443 22.70 8.83 -4.39
N ILE A 444 23.23 9.42 -5.47
CA ILE A 444 22.65 9.28 -6.82
C ILE A 444 23.77 8.69 -7.67
N GLU A 445 23.56 7.52 -8.29
N GLU A 445 23.56 7.53 -8.30
CA GLU A 445 24.62 6.90 -9.09
CA GLU A 445 24.59 6.85 -9.07
C GLU A 445 24.17 6.52 -10.48
C GLU A 445 24.14 6.54 -10.49
N ASN A 446 25.09 6.58 -11.44
CA ASN A 446 24.82 6.17 -12.81
C ASN A 446 25.22 4.68 -12.77
N THR A 447 24.25 3.77 -12.90
CA THR A 447 24.52 2.33 -12.85
C THR A 447 25.04 1.74 -14.17
N SER A 448 25.14 2.55 -15.23
CA SER A 448 25.59 2.07 -16.53
C SER A 448 26.99 2.56 -16.82
N GLU A 449 27.64 1.95 -17.83
CA GLU A 449 28.96 2.39 -18.26
C GLU A 449 28.86 3.60 -19.22
N ALA A 450 27.66 4.05 -19.62
CA ALA A 450 27.53 5.18 -20.52
C ALA A 450 27.95 6.49 -19.87
N ASN A 451 28.42 7.43 -20.70
CA ASN A 451 28.84 8.73 -20.21
C ASN A 451 27.58 9.60 -20.11
N ASN A 452 26.77 9.34 -19.09
CA ASN A 452 25.54 10.09 -18.87
C ASN A 452 25.81 11.42 -18.16
N TYR A 453 24.83 12.33 -18.13
CA TYR A 453 25.04 13.65 -17.54
C TYR A 453 23.72 14.25 -17.08
N GLY A 454 23.83 15.10 -16.08
CA GLY A 454 22.68 15.79 -15.53
C GLY A 454 23.02 16.57 -14.29
N THR A 455 22.03 17.22 -13.69
CA THR A 455 22.23 18.08 -12.52
C THR A 455 21.09 17.93 -11.55
N LEU A 456 21.39 17.88 -10.26
CA LEU A 456 20.40 17.87 -9.19
C LEU A 456 20.22 19.33 -8.82
N THR A 457 19.02 19.90 -9.04
CA THR A 457 18.81 21.33 -8.74
C THR A 457 18.06 21.55 -7.43
N LYS A 458 17.34 20.54 -6.92
CA LYS A 458 16.66 20.71 -5.64
C LYS A 458 16.57 19.39 -4.92
N PHE A 459 16.77 19.44 -3.61
CA PHE A 459 16.62 18.30 -2.73
C PHE A 459 15.99 18.85 -1.45
N THR A 460 14.70 18.55 -1.23
CA THR A 460 14.03 18.94 0.00
C THR A 460 13.80 17.65 0.78
N LEU A 461 14.25 17.61 2.02
CA LEU A 461 13.99 16.47 2.89
C LEU A 461 12.76 16.85 3.68
N VAL A 462 11.68 16.05 3.56
CA VAL A 462 10.45 16.33 4.27
C VAL A 462 10.24 15.20 5.25
N LEU A 463 10.21 15.55 6.54
CA LEU A 463 10.01 14.57 7.59
C LEU A 463 8.60 14.72 8.15
N TYR A 464 7.91 13.60 8.40
CA TYR A 464 6.59 13.60 9.03
C TYR A 464 6.74 12.82 10.33
N GLY A 465 6.00 13.17 11.36
CA GLY A 465 6.07 12.41 12.61
C GLY A 465 5.58 13.14 13.82
N THR A 466 6.03 12.70 14.99
CA THR A 466 5.61 13.29 16.26
C THR A 466 6.85 13.48 17.17
N ALA A 467 6.64 13.99 18.38
CA ALA A 467 7.71 14.12 19.36
C ALA A 467 7.28 13.42 20.67
N SER A 468 6.50 12.31 20.60
CA SER A 468 6.06 11.60 21.81
C SER A 468 5.52 10.20 21.52
N GLY A 469 5.47 9.37 22.57
CA GLY A 469 4.88 8.04 22.55
C GLY A 469 5.72 6.86 22.12
N SER A 470 7.06 6.99 22.08
CA SER A 470 7.91 5.90 21.61
C SER A 470 7.94 4.64 22.47
N LEU A 471 8.10 3.50 21.78
CA LEU A 471 8.26 2.17 22.36
C LEU A 471 9.76 1.91 22.52
N VAL A 472 10.12 0.99 23.41
CA VAL A 472 11.53 0.59 23.56
C VAL A 472 11.90 -0.20 22.29
N PRO A 473 13.02 0.10 21.60
CA PRO A 473 13.36 -0.65 20.38
C PRO A 473 13.29 -2.18 20.47
N ARG A 474 13.05 -2.80 19.31
CA ARG A 474 12.93 -4.25 19.18
C ARG A 474 14.29 -4.95 19.28
CA CA B . -23.90 1.89 -14.30
CA CA C . -19.54 -18.00 0.70
CA CA D . 4.68 0.20 -11.06
NA NA E . 1.63 4.43 0.19
NA NA F . 20.55 11.60 15.48
NA NA G . 2.88 13.24 -12.32
NA NA H . 20.68 -0.89 10.72
CL CL I . 1.57 17.74 3.80
NAP I1G J . -5.48 4.16 -13.24
CAM I1G J . -3.70 6.29 -13.43
CAR I1G J . -4.37 6.02 -12.24
CAQ I1G J . -5.25 4.95 -12.18
CAS I1G J . -6.05 4.65 -10.97
CAZ I1G J . -6.43 3.35 -10.66
CAW I1G J . -7.61 4.12 -8.70
CBG I1G J . -5.12 1.40 -14.54
CBC I1G J . -6.55 2.00 -16.30
CBJ I1G J . -6.33 -3.71 -15.27
CBQ I1G J . -7.97 -3.17 -16.92
CAL I1G J . -2.73 7.43 -13.53
CAU I1G J . -7.21 5.40 -9.01
CAT I1G J . -6.43 5.68 -10.11
CBB I1G J . -5.57 2.37 -15.40
CBE I1G J . -6.56 -0.10 -15.46
CAO I1G J . -4.80 4.41 -14.35
CBI I1G J . -6.56 -2.40 -14.56
CBR I1G J . -8.18 -1.78 -16.33
CAN I1G J . -3.93 5.46 -14.52
CAH I1G J . -4.10 8.84 -15.06
CAG I1G J . -4.74 10.20 -15.23
CAF I1G J . -3.68 11.30 -15.15
CAK I1G J . -3.07 11.23 -13.77
CAJ I1G J . -2.38 9.88 -13.60
CAE I1G J . -4.27 12.65 -15.46
CAB I1G J . -3.53 14.98 -15.53
CAA I1G J . -2.37 15.93 -15.64
CBL I1G J . -7.73 -5.58 -16.18
CBM I1G J . -7.78 -6.49 -14.96
CBN I1G J . -8.10 -7.94 -15.25
CAX I1G J . -7.24 3.11 -9.56
NBF I1G J . -5.61 0.16 -14.54
NBD I1G J . -7.07 0.77 -16.33
NBH I1G J . -7.06 -1.37 -15.47
NBK I1G J . -7.65 -4.12 -15.81
NAI I1G J . -3.40 8.77 -13.73
NAD I1G J . -3.24 13.68 -15.50
OBA I1G J . -5.02 3.65 -15.46
OAC I1G J . -4.70 15.37 -15.46
OBO I1G J . -8.88 -8.19 -16.20
OBP I1G J . -7.61 -8.82 -14.52
CL1 I1G J . -7.69 6.71 -7.96
CL2 I1G J . -7.75 1.48 -9.23
HAS I1G J . -4.21 6.66 -11.37
HAZ I1G J . -6.18 2.51 -11.31
HAW I1G J . -8.23 3.92 -7.82
HBG I1G J . -4.34 1.60 -13.81
HBC I1G J . -6.99 2.65 -17.05
HBL I1G J . -5.60 -3.61 -16.08
HBK I1G J . -5.91 -4.43 -14.59
HBQ I1G J . -8.85 -3.51 -17.46
HBR I1G J . -7.18 -3.18 -17.67
HAP I1G J . -2.03 7.25 -14.35
HAQ I1G J . -2.12 7.46 -12.63
HAT I1G J . -6.16 6.73 -10.28
HBJ I1G J . -5.61 -2.16 -14.09
HBI I1G J . -7.25 -2.51 -13.73
HBT I1G J . -9.10 -1.73 -15.74
HBS I1G J . -8.39 -1.11 -17.17
HAR I1G J . -3.42 5.60 -15.47
HAK I1G J . -3.39 8.64 -15.87
HAJ I1G J . -4.86 8.06 -15.14
HAH I1G J . -5.50 10.33 -14.46
HAI I1G J . -5.32 10.27 -16.16
HAG I1G J . -2.93 11.10 -15.91
HAN I1G J . -3.83 11.34 -13.00
HAO I1G J . -2.38 12.05 -13.60
HAL I1G J . -1.58 9.76 -14.32
HAM I1G J . -1.90 9.84 -12.62
HAE I1G J . -5.00 12.89 -14.68
HAF I1G J . -4.84 12.61 -16.38
HAB I1G J . -1.75 15.81 -16.52
HAA I1G J . -2.72 16.96 -15.62
HAC I1G J . -1.72 15.83 -14.78
HBN I1G J . -8.62 -5.75 -16.80
HBM I1G J . -6.89 -5.86 -16.81
HBP I1G J . -6.82 -6.50 -14.44
HBO I1G J . -8.50 -6.15 -14.22
HBV I1G J . -8.35 -3.97 -15.10
HBU I1G J . -4.10 8.88 -13.01
HAD I1G J . -2.28 13.37 -15.52
#